data_9N1T
#
_entry.id   9N1T
#
_cell.length_a   46.950
_cell.length_b   62.520
_cell.length_c   88.220
_cell.angle_alpha   90.00
_cell.angle_beta   90.00
_cell.angle_gamma   90.00
#
_symmetry.space_group_name_H-M   'P 21 21 21'
#
loop_
_entity.id
_entity.type
_entity.pdbx_description
1 polymer 'Death-associated protein kinase 1'
2 non-polymer 'SULFATE ION'
3 non-polymer 3-(4-methylpiperazin-1-yl)-5-(pyridin-4-yl)pyridazine
4 water water
#
_entity_poly.entity_id   1
_entity_poly.type   'polypeptide(L)'
_entity_poly.pdbx_seq_one_letter_code
;TVFRQENVDDYYDTGEELGSGQFAVVKKCREKSTGLQYAAKFIKKRRTKSSRRGVSREDIEREVSILKEIQHPNVITLHE
VYENKTDVILILELVAGGELFDFLAEKESLTEEEATEFLKQILNGVYYLHSLQIAHFDLKPENIMLLDRNVPKPRIKIID
FGLAHKIDFGNEFKNIFGTPEFVAPEIVNYEPLGLEADMWSIGVITYILLSGASPFLGDTKQETLANVSAVNYEFEDEYF
SNTSALAKDFIRRLLVKDPKKRMTIQDSLQHPWIKPKDTQQALSSAWSHPQFE
;
_entity_poly.pdbx_strand_id   A
#
loop_
_chem_comp.id
_chem_comp.type
_chem_comp.name
_chem_comp.formula
A1BU8 non-polymer 3-(4-methylpiperazin-1-yl)-5-(pyridin-4-yl)pyridazine 'C14 H17 N5'
SO4 non-polymer 'SULFATE ION' 'O4 S -2'
#
# COMPACT_ATOMS: atom_id res chain seq x y z
N THR A 1 -23.44 3.08 -7.28
CA THR A 1 -23.73 3.38 -5.87
C THR A 1 -23.54 4.84 -5.64
N VAL A 2 -24.44 5.45 -4.87
CA VAL A 2 -24.38 6.92 -4.64
C VAL A 2 -23.90 7.14 -3.20
N PHE A 3 -23.30 8.29 -2.96
CA PHE A 3 -22.78 8.59 -1.61
C PHE A 3 -23.51 9.80 -1.05
N ARG A 4 -23.21 10.16 0.18
CA ARG A 4 -23.84 11.29 0.84
C ARG A 4 -23.49 12.60 0.13
N GLN A 5 -24.53 13.35 -0.25
CA GLN A 5 -24.32 14.54 -1.08
C GLN A 5 -24.52 15.86 -0.34
N GLU A 6 -24.69 15.81 0.97
CA GLU A 6 -24.56 16.99 1.80
C GLU A 6 -23.12 17.52 1.75
N ASN A 7 -22.95 18.82 2.00
CA ASN A 7 -21.65 19.46 2.04
C ASN A 7 -20.88 18.90 3.23
N VAL A 8 -19.69 18.40 2.96
CA VAL A 8 -18.92 17.78 4.01
C VAL A 8 -18.56 18.82 5.08
N ASP A 9 -18.49 20.10 4.68
CA ASP A 9 -18.12 21.15 5.59
C ASP A 9 -19.24 21.43 6.60
N ASP A 10 -20.43 20.92 6.34
CA ASP A 10 -21.51 21.05 7.31
C ASP A 10 -21.34 20.11 8.49
N TYR A 11 -20.56 19.02 8.31
CA TYR A 11 -20.40 17.95 9.29
C TYR A 11 -18.99 17.83 9.85
N TYR A 12 -18.00 18.34 9.14
CA TYR A 12 -16.60 18.23 9.50
C TYR A 12 -15.90 19.59 9.36
N ASP A 13 -14.90 19.84 10.20
CA ASP A 13 -13.95 20.92 9.99
C ASP A 13 -12.61 20.33 9.55
N THR A 14 -11.97 20.95 8.55
CA THR A 14 -10.68 20.44 8.09
C THR A 14 -9.52 21.24 8.66
N GLY A 15 -8.37 20.59 8.73
CA GLY A 15 -7.16 21.23 9.20
C GLY A 15 -5.99 20.93 8.28
N GLU A 16 -4.91 20.44 8.88
N GLU A 16 -4.92 20.40 8.92
CA GLU A 16 -3.65 20.33 8.18
CA GLU A 16 -3.63 20.09 8.32
C GLU A 16 -3.71 19.22 7.14
C GLU A 16 -3.81 19.23 7.06
N GLU A 17 -2.94 19.39 6.07
CA GLU A 17 -2.85 18.44 4.98
C GLU A 17 -1.95 17.28 5.40
N LEU A 18 -2.41 16.06 5.09
CA LEU A 18 -1.76 14.84 5.53
C LEU A 18 -1.16 14.10 4.36
N GLY A 19 -1.50 14.53 3.14
CA GLY A 19 -1.08 13.81 1.95
C GLY A 19 -1.63 14.46 0.68
N SER A 20 -0.91 14.23 -0.41
CA SER A 20 -1.21 14.88 -1.69
C SER A 20 -0.73 13.92 -2.76
N GLY A 21 -1.55 13.71 -3.78
CA GLY A 21 -1.22 12.78 -4.84
C GLY A 21 -1.83 13.25 -6.14
N GLN A 22 -1.68 12.42 -7.18
CA GLN A 22 -2.00 12.80 -8.53
C GLN A 22 -3.46 13.23 -8.63
N PHE A 23 -4.37 12.47 -8.05
CA PHE A 23 -5.77 12.85 -8.19
C PHE A 23 -6.44 12.98 -6.82
N ALA A 24 -5.65 13.14 -5.73
CA ALA A 24 -6.26 13.16 -4.40
C ALA A 24 -5.47 14.08 -3.48
N VAL A 25 -6.14 14.60 -2.47
CA VAL A 25 -5.53 15.35 -1.38
C VAL A 25 -6.14 14.81 -0.10
N VAL A 26 -5.35 14.72 0.96
CA VAL A 26 -5.82 14.22 2.25
C VAL A 26 -5.67 15.33 3.28
N LYS A 27 -6.76 15.63 3.99
CA LYS A 27 -6.80 16.65 5.02
C LYS A 27 -7.22 16.02 6.34
N LYS A 28 -6.52 16.35 7.42
CA LYS A 28 -7.05 16.04 8.73
C LYS A 28 -8.40 16.73 8.90
N CYS A 29 -9.32 16.06 9.60
CA CYS A 29 -10.60 16.68 9.84
C CYS A 29 -11.14 16.23 11.19
N ARG A 30 -12.18 16.91 11.61
CA ARG A 30 -12.81 16.66 12.89
C ARG A 30 -14.32 16.67 12.69
N GLU A 31 -14.99 15.60 13.12
CA GLU A 31 -16.43 15.50 12.98
C GLU A 31 -17.06 16.39 14.04
N LYS A 32 -18.00 17.24 13.62
CA LYS A 32 -18.57 18.22 14.54
C LYS A 32 -19.38 17.54 15.64
N SER A 33 -20.07 16.44 15.30
CA SER A 33 -21.01 15.82 16.23
C SER A 33 -20.32 15.02 17.33
N THR A 34 -19.09 14.57 17.10
CA THR A 34 -18.42 13.67 18.04
C THR A 34 -17.10 14.20 18.59
N GLY A 35 -16.53 15.17 17.90
CA GLY A 35 -15.18 15.65 18.14
C GLY A 35 -14.08 14.70 17.67
N LEU A 36 -14.43 13.58 17.06
CA LEU A 36 -13.43 12.61 16.67
C LEU A 36 -12.75 13.04 15.37
N GLN A 37 -11.51 12.59 15.22
CA GLN A 37 -10.66 13.07 14.14
C GLN A 37 -10.44 11.95 13.14
N TYR A 38 -10.38 12.36 11.87
CA TYR A 38 -10.30 11.47 10.71
C TYR A 38 -9.34 12.07 9.69
N ALA A 39 -9.11 11.32 8.63
CA ALA A 39 -8.41 11.81 7.45
C ALA A 39 -9.38 11.82 6.28
N ALA A 40 -9.62 13.00 5.70
CA ALA A 40 -10.54 13.13 4.59
C ALA A 40 -9.75 13.09 3.28
N LYS A 41 -10.00 12.08 2.46
CA LYS A 41 -9.31 11.93 1.19
C LYS A 41 -10.27 12.38 0.08
N PHE A 42 -9.90 13.47 -0.59
CA PHE A 42 -10.69 14.06 -1.66
C PHE A 42 -10.14 13.53 -2.98
N ILE A 43 -10.93 12.72 -3.67
CA ILE A 43 -10.55 12.09 -4.93
C ILE A 43 -11.27 12.80 -6.08
N LYS A 44 -10.50 13.33 -7.04
N LYS A 44 -10.51 13.34 -7.03
CA LYS A 44 -11.08 14.07 -8.15
CA LYS A 44 -11.09 14.04 -8.15
C LYS A 44 -11.76 13.11 -9.12
C LYS A 44 -11.77 13.08 -9.11
N LYS A 45 -13.04 13.40 -9.42
CA LYS A 45 -13.81 12.65 -10.38
C LYS A 45 -13.42 12.99 -11.83
N ARG A 46 -13.75 12.04 -12.71
CA ARG A 46 -13.60 12.29 -14.16
C ARG A 46 -14.72 13.24 -14.61
N ARG A 47 -14.41 14.21 -15.43
CA ARG A 47 -15.31 15.25 -15.96
C ARG A 47 -16.04 14.76 -17.21
N THR A 48 -15.48 13.73 -17.90
CA THR A 48 -16.06 13.16 -19.13
C THR A 48 -15.73 11.66 -19.17
N LYS A 49 -16.45 10.92 -20.03
CA LYS A 49 -16.19 9.48 -20.13
C LYS A 49 -14.81 9.22 -20.72
N SER A 50 -14.35 10.04 -21.69
CA SER A 50 -13.13 9.73 -22.42
C SER A 50 -11.91 10.39 -21.77
N SER A 51 -12.05 11.00 -20.59
CA SER A 51 -10.97 11.81 -20.04
C SER A 51 -9.95 10.96 -19.27
N ARG A 52 -8.72 11.49 -19.24
CA ARG A 52 -7.57 10.89 -18.55
C ARG A 52 -7.33 11.57 -17.19
N ARG A 53 -7.97 12.72 -16.94
CA ARG A 53 -7.82 13.39 -15.67
C ARG A 53 -8.91 12.84 -14.76
N GLY A 54 -8.59 12.72 -13.46
CA GLY A 54 -9.53 12.23 -12.47
C GLY A 54 -9.66 10.71 -12.49
N VAL A 55 -10.44 10.22 -11.53
CA VAL A 55 -10.61 8.78 -11.35
C VAL A 55 -12.01 8.38 -11.82
N SER A 56 -12.09 7.29 -12.57
CA SER A 56 -13.37 6.83 -13.07
C SER A 56 -14.27 6.41 -11.91
N ARG A 57 -15.56 6.49 -12.16
CA ARG A 57 -16.51 6.11 -11.12
C ARG A 57 -16.37 4.62 -10.78
N GLU A 58 -16.12 3.78 -11.78
CA GLU A 58 -15.93 2.37 -11.56
C GLU A 58 -14.76 2.15 -10.58
N ASP A 59 -13.65 2.88 -10.78
CA ASP A 59 -12.51 2.72 -9.91
C ASP A 59 -12.80 3.25 -8.49
N ILE A 60 -13.50 4.38 -8.37
CA ILE A 60 -13.85 4.88 -7.06
C ILE A 60 -14.75 3.88 -6.32
N GLU A 61 -15.78 3.38 -7.02
CA GLU A 61 -16.72 2.46 -6.41
C GLU A 61 -16.02 1.17 -5.96
N ARG A 62 -15.05 0.67 -6.75
N ARG A 62 -15.05 0.68 -6.75
CA ARG A 62 -14.30 -0.52 -6.39
CA ARG A 62 -14.31 -0.53 -6.39
C ARG A 62 -13.57 -0.28 -5.07
C ARG A 62 -13.56 -0.29 -5.07
N GLU A 63 -12.85 0.84 -4.98
CA GLU A 63 -12.08 1.16 -3.78
C GLU A 63 -13.01 1.25 -2.56
N VAL A 64 -14.13 1.95 -2.69
CA VAL A 64 -15.06 2.11 -1.57
C VAL A 64 -15.61 0.73 -1.16
N SER A 65 -15.94 -0.13 -2.12
N SER A 65 -15.93 -0.13 -2.12
CA SER A 65 -16.51 -1.45 -1.81
CA SER A 65 -16.50 -1.45 -1.82
C SER A 65 -15.50 -2.27 -0.99
C SER A 65 -15.50 -2.27 -0.99
N ILE A 66 -14.23 -2.19 -1.38
CA ILE A 66 -13.19 -2.92 -0.64
C ILE A 66 -13.02 -2.34 0.75
N LEU A 67 -12.90 -1.01 0.85
CA LEU A 67 -12.72 -0.37 2.14
C LEU A 67 -13.87 -0.70 3.09
N LYS A 68 -15.10 -0.77 2.56
CA LYS A 68 -16.24 -1.05 3.41
C LYS A 68 -16.16 -2.44 4.03
N GLU A 69 -15.46 -3.38 3.39
CA GLU A 69 -15.41 -4.74 3.87
C GLU A 69 -14.41 -4.92 5.03
N ILE A 70 -13.40 -4.04 5.09
CA ILE A 70 -12.24 -4.40 5.89
C ILE A 70 -12.29 -3.80 7.30
N GLN A 71 -11.88 -4.59 8.30
CA GLN A 71 -11.74 -4.20 9.74
C GLN A 71 -10.63 -5.10 10.31
N HIS A 72 -9.50 -4.55 10.54
CA HIS A 72 -8.34 -5.28 11.01
C HIS A 72 -7.37 -4.27 11.57
N PRO A 73 -6.63 -4.58 12.67
CA PRO A 73 -5.76 -3.58 13.27
C PRO A 73 -4.69 -3.01 12.34
N ASN A 74 -4.31 -3.75 11.29
CA ASN A 74 -3.23 -3.31 10.42
C ASN A 74 -3.68 -2.79 9.07
N VAL A 75 -4.99 -2.52 8.93
N VAL A 75 -4.96 -2.40 8.98
CA VAL A 75 -5.53 -1.87 7.75
CA VAL A 75 -5.46 -1.81 7.76
C VAL A 75 -6.34 -0.67 8.20
C VAL A 75 -6.35 -0.63 8.13
N ILE A 76 -6.46 0.28 7.28
N ILE A 76 -6.22 0.46 7.38
CA ILE A 76 -7.29 1.45 7.52
CA ILE A 76 -7.04 1.63 7.63
C ILE A 76 -8.77 1.07 7.52
C ILE A 76 -8.51 1.26 7.41
N THR A 77 -9.52 1.84 8.29
N THR A 77 -9.39 1.90 8.17
CA THR A 77 -10.96 1.72 8.33
CA THR A 77 -10.80 1.68 8.01
C THR A 77 -11.64 2.94 7.70
C THR A 77 -11.49 2.92 7.45
N LEU A 78 -12.70 2.69 6.95
CA LEU A 78 -13.49 3.74 6.32
C LEU A 78 -14.64 4.11 7.26
N HIS A 79 -14.81 5.40 7.52
CA HIS A 79 -15.85 5.92 8.39
C HIS A 79 -17.11 6.30 7.62
N GLU A 80 -16.94 7.10 6.57
CA GLU A 80 -18.07 7.59 5.80
C GLU A 80 -17.59 7.97 4.40
N VAL A 81 -18.55 8.13 3.47
CA VAL A 81 -18.24 8.63 2.12
C VAL A 81 -19.21 9.72 1.72
N TYR A 82 -18.66 10.84 1.25
CA TYR A 82 -19.43 11.94 0.70
C TYR A 82 -19.07 12.12 -0.76
N GLU A 83 -19.90 12.85 -1.51
CA GLU A 83 -19.51 13.22 -2.86
C GLU A 83 -20.21 14.51 -3.27
N ASN A 84 -19.60 15.15 -4.24
CA ASN A 84 -20.20 16.29 -4.94
C ASN A 84 -19.81 16.19 -6.41
N LYS A 85 -20.08 17.23 -7.22
CA LYS A 85 -19.82 17.12 -8.64
C LYS A 85 -18.33 16.93 -8.96
N THR A 86 -17.44 17.44 -8.11
N THR A 86 -17.43 17.44 -8.11
CA THR A 86 -16.00 17.45 -8.37
CA THR A 86 -16.01 17.42 -8.41
C THR A 86 -15.27 16.25 -7.75
C THR A 86 -15.27 16.26 -7.74
N ASP A 87 -15.70 15.83 -6.54
CA ASP A 87 -14.90 14.88 -5.76
C ASP A 87 -15.75 13.81 -5.09
N VAL A 88 -15.11 12.67 -4.82
CA VAL A 88 -15.61 11.72 -3.81
C VAL A 88 -14.74 11.93 -2.60
N ILE A 89 -15.33 12.02 -1.40
CA ILE A 89 -14.60 12.33 -0.19
C ILE A 89 -14.69 11.12 0.74
N LEU A 90 -13.57 10.42 0.94
CA LEU A 90 -13.53 9.29 1.86
C LEU A 90 -13.11 9.82 3.21
N ILE A 91 -13.93 9.56 4.23
CA ILE A 91 -13.58 9.90 5.60
C ILE A 91 -12.99 8.64 6.20
N LEU A 92 -11.67 8.63 6.35
CA LEU A 92 -10.90 7.46 6.76
C LEU A 92 -10.39 7.63 8.19
N GLU A 93 -10.08 6.49 8.81
CA GLU A 93 -9.35 6.47 10.06
C GLU A 93 -8.09 7.32 9.95
N LEU A 94 -7.86 8.19 10.96
CA LEU A 94 -6.64 9.00 11.01
C LEU A 94 -5.48 8.16 11.49
N VAL A 95 -4.39 8.18 10.75
CA VAL A 95 -3.17 7.52 11.16
C VAL A 95 -2.12 8.63 11.19
N ALA A 96 -1.76 9.12 12.39
CA ALA A 96 -1.13 10.43 12.51
C ALA A 96 0.38 10.36 12.68
N GLY A 97 1.00 9.17 12.68
CA GLY A 97 2.44 9.05 12.91
C GLY A 97 3.30 9.07 11.66
N GLY A 98 2.71 9.42 10.52
CA GLY A 98 3.45 9.57 9.28
C GLY A 98 3.71 8.26 8.54
N GLU A 99 4.27 8.40 7.33
CA GLU A 99 4.56 7.27 6.47
C GLU A 99 5.76 6.51 7.02
N LEU A 100 5.75 5.19 6.81
CA LEU A 100 6.93 4.39 7.11
C LEU A 100 8.10 4.88 6.27
N PHE A 101 7.83 5.31 5.04
CA PHE A 101 8.86 5.92 4.21
C PHE A 101 9.63 7.01 4.96
N ASP A 102 8.91 7.96 5.56
CA ASP A 102 9.55 9.11 6.18
C ASP A 102 10.25 8.69 7.48
N PHE A 103 9.69 7.69 8.17
CA PHE A 103 10.31 7.14 9.37
C PHE A 103 11.68 6.56 9.03
N LEU A 104 11.75 5.79 7.94
CA LEU A 104 12.99 5.11 7.58
C LEU A 104 14.04 6.14 7.16
N ALA A 105 13.59 7.21 6.49
CA ALA A 105 14.51 8.26 6.08
C ALA A 105 15.16 8.95 7.28
N GLU A 106 14.36 9.18 8.32
CA GLU A 106 14.75 10.05 9.42
C GLU A 106 15.61 9.27 10.41
N LYS A 107 15.42 7.95 10.43
CA LYS A 107 16.06 7.09 11.42
C LYS A 107 17.32 6.45 10.84
N GLU A 108 18.28 6.10 11.70
CA GLU A 108 19.43 5.33 11.24
C GLU A 108 18.90 3.97 10.78
N SER A 109 19.77 3.16 10.16
CA SER A 109 19.37 1.90 9.56
C SER A 109 18.66 1.04 10.63
N LEU A 110 17.69 0.18 10.23
CA LEU A 110 17.00 -0.70 11.18
C LEU A 110 17.84 -1.96 11.50
N THR A 111 17.63 -2.48 12.71
CA THR A 111 18.05 -3.82 13.09
C THR A 111 17.10 -4.86 12.48
N GLU A 112 17.51 -6.14 12.45
CA GLU A 112 16.63 -7.20 11.98
C GLU A 112 15.39 -7.26 12.83
N GLU A 113 15.51 -7.09 14.15
CA GLU A 113 14.32 -7.09 14.99
C GLU A 113 13.39 -5.93 14.69
N GLU A 114 13.92 -4.72 14.50
CA GLU A 114 13.08 -3.57 14.17
C GLU A 114 12.40 -3.79 12.81
N ALA A 115 13.14 -4.39 11.86
CA ALA A 115 12.57 -4.68 10.56
C ALA A 115 11.45 -5.71 10.70
N THR A 116 11.68 -6.79 11.46
CA THR A 116 10.66 -7.83 11.59
C THR A 116 9.46 -7.36 12.41
N GLU A 117 9.66 -6.39 13.33
N GLU A 117 9.65 -6.39 13.31
CA GLU A 117 8.55 -5.78 14.06
CA GLU A 117 8.51 -5.86 14.04
C GLU A 117 7.55 -5.16 13.09
C GLU A 117 7.54 -5.14 13.09
N PHE A 118 8.08 -4.38 12.14
CA PHE A 118 7.25 -3.79 11.08
C PHE A 118 6.70 -4.90 10.20
N LEU A 119 7.57 -5.78 9.73
CA LEU A 119 7.21 -6.71 8.71
C LEU A 119 6.10 -7.64 9.20
N LYS A 120 6.16 -8.07 10.47
CA LYS A 120 5.13 -8.97 10.97
C LYS A 120 3.74 -8.33 10.92
N GLN A 121 3.66 -7.03 11.19
CA GLN A 121 2.40 -6.30 11.09
C GLN A 121 1.90 -6.22 9.64
N ILE A 122 2.83 -5.94 8.72
CA ILE A 122 2.47 -5.91 7.32
C ILE A 122 1.95 -7.27 6.89
N LEU A 123 2.67 -8.34 7.27
CA LEU A 123 2.26 -9.70 6.91
C LEU A 123 0.88 -10.02 7.50
N ASN A 124 0.63 -9.56 8.72
CA ASN A 124 -0.66 -9.82 9.34
C ASN A 124 -1.80 -9.12 8.58
N GLY A 125 -1.58 -7.86 8.19
CA GLY A 125 -2.57 -7.12 7.42
C GLY A 125 -2.78 -7.76 6.05
N VAL A 126 -1.69 -8.16 5.39
CA VAL A 126 -1.81 -8.79 4.08
C VAL A 126 -2.48 -10.17 4.21
N TYR A 127 -2.18 -10.91 5.28
CA TYR A 127 -2.85 -12.18 5.48
C TYR A 127 -4.38 -12.00 5.55
N TYR A 128 -4.81 -11.00 6.31
CA TYR A 128 -6.23 -10.64 6.36
C TYR A 128 -6.77 -10.34 4.96
N LEU A 129 -6.10 -9.44 4.21
CA LEU A 129 -6.59 -9.06 2.90
C LEU A 129 -6.65 -10.26 1.97
N HIS A 130 -5.57 -11.04 1.90
CA HIS A 130 -5.51 -12.17 1.01
C HIS A 130 -6.54 -13.24 1.40
N SER A 131 -6.82 -13.38 2.70
CA SER A 131 -7.87 -14.29 3.15
C SER A 131 -9.23 -13.91 2.55
N LEU A 132 -9.37 -12.60 2.35
CA LEU A 132 -10.51 -12.01 1.69
C LEU A 132 -10.47 -11.96 0.16
N GLN A 133 -9.41 -12.54 -0.43
CA GLN A 133 -9.15 -12.50 -1.86
C GLN A 133 -8.98 -11.06 -2.34
N ILE A 134 -8.48 -10.18 -1.48
CA ILE A 134 -8.15 -8.81 -1.88
C ILE A 134 -6.65 -8.71 -2.14
N ALA A 135 -6.31 -8.35 -3.38
CA ALA A 135 -4.97 -7.95 -3.73
C ALA A 135 -4.87 -6.44 -3.57
N HIS A 136 -3.81 -5.95 -2.92
CA HIS A 136 -3.65 -4.53 -2.68
C HIS A 136 -3.06 -3.83 -3.92
N PHE A 137 -2.00 -4.43 -4.49
CA PHE A 137 -1.38 -4.00 -5.73
C PHE A 137 -0.59 -2.69 -5.63
N ASP A 138 -0.42 -2.13 -4.44
CA ASP A 138 0.37 -0.91 -4.29
C ASP A 138 1.11 -0.87 -2.96
N LEU A 139 1.60 -2.04 -2.51
CA LEU A 139 2.33 -2.06 -1.25
C LEU A 139 3.72 -1.44 -1.44
N LYS A 140 4.05 -0.51 -0.55
CA LYS A 140 5.30 0.23 -0.57
C LYS A 140 5.37 1.03 0.72
N PRO A 141 6.56 1.48 1.18
CA PRO A 141 6.68 2.21 2.45
C PRO A 141 5.82 3.46 2.56
N GLU A 142 5.57 4.15 1.44
CA GLU A 142 4.73 5.35 1.46
C GLU A 142 3.26 5.02 1.77
N ASN A 143 2.84 3.77 1.56
CA ASN A 143 1.46 3.35 1.78
C ASN A 143 1.30 2.57 3.09
N ILE A 144 2.26 2.74 3.99
N ILE A 144 2.31 2.65 3.95
CA ILE A 144 2.16 2.18 5.32
CA ILE A 144 2.26 2.15 5.31
C ILE A 144 2.41 3.32 6.29
C ILE A 144 2.38 3.35 6.25
N MET A 145 1.46 3.54 7.20
N MET A 145 1.44 3.47 7.20
CA MET A 145 1.60 4.66 8.11
CA MET A 145 1.38 4.62 8.10
C MET A 145 1.60 4.15 9.54
C MET A 145 1.58 4.13 9.54
N LEU A 146 2.28 4.90 10.38
CA LEU A 146 2.48 4.59 11.79
C LEU A 146 1.39 5.30 12.59
N LEU A 147 0.88 4.63 13.62
CA LEU A 147 -0.11 5.26 14.52
C LEU A 147 0.61 6.28 15.41
N ASP A 148 1.82 5.97 15.85
CA ASP A 148 2.61 6.86 16.72
C ASP A 148 4.08 6.60 16.43
N ARG A 149 4.84 7.61 15.99
CA ARG A 149 6.20 7.34 15.57
C ARG A 149 7.18 7.47 16.73
N ASN A 150 6.70 7.78 17.94
CA ASN A 150 7.59 8.06 19.06
C ASN A 150 7.58 6.94 20.09
N VAL A 151 7.21 5.72 19.70
CA VAL A 151 7.31 4.56 20.59
C VAL A 151 8.38 3.64 20.02
N PRO A 152 9.00 2.77 20.85
CA PRO A 152 10.07 1.90 20.36
C PRO A 152 9.67 0.90 19.26
N LYS A 153 8.42 0.41 19.32
CA LYS A 153 7.89 -0.55 18.37
C LYS A 153 6.61 -0.01 17.75
N PRO A 154 6.71 0.91 16.77
CA PRO A 154 5.52 1.54 16.20
C PRO A 154 4.56 0.54 15.57
N ARG A 155 3.27 0.85 15.75
CA ARG A 155 2.18 0.11 15.13
C ARG A 155 1.88 0.73 13.77
N ILE A 156 1.53 -0.13 12.81
CA ILE A 156 1.28 0.33 11.45
C ILE A 156 -0.08 -0.08 10.90
N LYS A 157 -0.48 0.68 9.89
CA LYS A 157 -1.66 0.38 9.09
C LYS A 157 -1.33 0.55 7.62
N ILE A 158 -1.83 -0.38 6.81
CA ILE A 158 -1.77 -0.27 5.36
C ILE A 158 -2.84 0.73 4.91
N ILE A 159 -2.46 1.65 4.01
CA ILE A 159 -3.39 2.62 3.43
C ILE A 159 -3.44 2.47 1.90
N ASP A 160 -4.22 3.35 1.27
CA ASP A 160 -4.19 3.60 -0.15
C ASP A 160 -4.67 2.35 -0.91
N PHE A 161 -5.99 2.11 -0.91
CA PHE A 161 -6.57 0.98 -1.60
C PHE A 161 -7.05 1.35 -3.02
N GLY A 162 -6.46 2.37 -3.64
CA GLY A 162 -6.90 2.80 -4.97
C GLY A 162 -6.61 1.82 -6.10
N LEU A 163 -5.68 0.88 -5.90
CA LEU A 163 -5.42 -0.13 -6.91
C LEU A 163 -5.97 -1.51 -6.50
N ALA A 164 -6.53 -1.60 -5.30
CA ALA A 164 -6.92 -2.92 -4.77
C ALA A 164 -8.03 -3.55 -5.61
N HIS A 165 -7.96 -4.87 -5.78
CA HIS A 165 -8.99 -5.59 -6.49
C HIS A 165 -9.34 -6.90 -5.80
N LYS A 166 -10.60 -7.32 -5.87
CA LYS A 166 -10.98 -8.66 -5.46
CA LYS A 166 -10.97 -8.66 -5.46
C LYS A 166 -10.57 -9.64 -6.57
N ILE A 167 -9.95 -10.72 -6.15
CA ILE A 167 -9.46 -11.75 -7.08
C ILE A 167 -10.36 -12.98 -6.88
N ASP A 168 -11.47 -13.08 -7.57
CA ASP A 168 -12.38 -14.21 -7.30
C ASP A 168 -12.11 -15.36 -8.25
N PHE A 169 -11.32 -15.11 -9.31
CA PHE A 169 -10.98 -16.18 -10.24
C PHE A 169 -9.48 -16.47 -10.17
N GLY A 170 -8.82 -16.19 -9.05
CA GLY A 170 -7.39 -16.48 -8.98
C GLY A 170 -6.48 -15.49 -9.69
N ASN A 171 -6.98 -14.76 -10.72
CA ASN A 171 -6.22 -13.68 -11.32
C ASN A 171 -7.19 -12.68 -11.91
N GLU A 172 -6.67 -11.48 -12.14
CA GLU A 172 -7.39 -10.44 -12.86
C GLU A 172 -6.52 -9.92 -14.00
N PHE A 173 -7.16 -9.44 -15.06
CA PHE A 173 -6.43 -8.97 -16.21
C PHE A 173 -6.99 -7.61 -16.64
N LYS A 174 -6.51 -6.58 -15.94
CA LYS A 174 -7.02 -5.22 -16.09
C LYS A 174 -5.84 -4.28 -16.21
N ASN A 175 -6.18 -2.98 -16.31
CA ASN A 175 -5.19 -1.91 -16.31
C ASN A 175 -4.72 -1.69 -14.87
N ILE A 176 -3.68 -2.42 -14.47
CA ILE A 176 -3.16 -2.38 -13.10
C ILE A 176 -1.66 -2.24 -13.17
N PHE A 177 -1.15 -1.13 -12.64
CA PHE A 177 0.28 -0.87 -12.61
C PHE A 177 0.59 0.14 -11.47
N GLY A 178 1.35 -0.29 -10.48
CA GLY A 178 1.81 0.58 -9.40
C GLY A 178 3.18 1.22 -9.66
N THR A 179 3.92 1.47 -8.57
CA THR A 179 5.18 2.20 -8.60
C THR A 179 6.28 1.26 -9.09
N PRO A 180 7.07 1.63 -10.12
CA PRO A 180 8.04 0.72 -10.74
C PRO A 180 8.96 -0.03 -9.76
N GLU A 181 9.47 0.66 -8.75
CA GLU A 181 10.37 0.00 -7.81
C GLU A 181 9.77 -1.19 -7.08
N PHE A 182 8.43 -1.21 -6.97
CA PHE A 182 7.75 -2.18 -6.11
C PHE A 182 6.89 -3.21 -6.87
N VAL A 183 6.70 -3.01 -8.19
CA VAL A 183 5.84 -3.91 -8.92
C VAL A 183 6.53 -5.22 -9.26
N ALA A 184 5.71 -6.27 -9.30
CA ALA A 184 6.18 -7.60 -9.68
C ALA A 184 6.44 -7.72 -11.17
N PRO A 185 7.23 -8.72 -11.62
CA PRO A 185 7.45 -8.92 -13.03
C PRO A 185 6.17 -9.09 -13.84
N GLU A 186 5.16 -9.76 -13.28
CA GLU A 186 3.93 -9.96 -14.03
C GLU A 186 3.23 -8.61 -14.30
N ILE A 187 3.38 -7.63 -13.41
CA ILE A 187 2.87 -6.28 -13.69
C ILE A 187 3.63 -5.67 -14.85
N VAL A 188 4.97 -5.74 -14.77
CA VAL A 188 5.82 -5.16 -15.81
C VAL A 188 5.50 -5.74 -17.18
N ASN A 189 5.19 -7.04 -17.23
CA ASN A 189 4.96 -7.77 -18.46
C ASN A 189 3.48 -7.81 -18.86
N TYR A 190 2.62 -7.11 -18.11
CA TYR A 190 1.18 -7.01 -18.44
C TYR A 190 0.55 -8.40 -18.52
N GLU A 191 0.90 -9.25 -17.55
N GLU A 191 0.92 -9.26 -17.58
CA GLU A 191 0.35 -10.59 -17.46
CA GLU A 191 0.34 -10.59 -17.43
C GLU A 191 -0.79 -10.59 -16.43
C GLU A 191 -0.84 -10.56 -16.45
N PRO A 192 -1.66 -11.63 -16.41
CA PRO A 192 -2.67 -11.71 -15.37
C PRO A 192 -2.03 -11.73 -13.99
N LEU A 193 -2.71 -11.04 -13.08
CA LEU A 193 -2.24 -10.73 -11.74
C LEU A 193 -3.11 -11.39 -10.70
N GLY A 194 -2.46 -11.79 -9.62
CA GLY A 194 -3.18 -12.29 -8.47
C GLY A 194 -2.54 -11.83 -7.17
N LEU A 195 -2.79 -12.59 -6.09
CA LEU A 195 -2.31 -12.24 -4.78
C LEU A 195 -0.78 -12.30 -4.72
N GLU A 196 -0.16 -13.03 -5.64
CA GLU A 196 1.29 -13.21 -5.63
C GLU A 196 2.02 -11.89 -5.82
N ALA A 197 1.45 -10.96 -6.59
CA ALA A 197 2.13 -9.68 -6.82
C ALA A 197 2.46 -8.95 -5.53
N ASP A 198 1.55 -9.03 -4.56
CA ASP A 198 1.75 -8.40 -3.26
C ASP A 198 2.97 -9.02 -2.55
N MET A 199 3.13 -10.33 -2.71
CA MET A 199 4.21 -11.01 -2.02
C MET A 199 5.58 -10.57 -2.55
N TRP A 200 5.67 -10.31 -3.86
CA TRP A 200 6.87 -9.71 -4.40
C TRP A 200 7.13 -8.36 -3.76
N SER A 201 6.09 -7.51 -3.72
CA SER A 201 6.26 -6.18 -3.13
C SER A 201 6.78 -6.26 -1.69
N ILE A 202 6.30 -7.25 -0.90
CA ILE A 202 6.78 -7.47 0.44
C ILE A 202 8.26 -7.80 0.44
N GLY A 203 8.72 -8.59 -0.53
CA GLY A 203 10.15 -8.85 -0.63
C GLY A 203 10.97 -7.58 -0.86
N VAL A 204 10.46 -6.69 -1.71
CA VAL A 204 11.15 -5.43 -1.95
C VAL A 204 11.18 -4.57 -0.68
N ILE A 205 10.03 -4.44 -0.01
CA ILE A 205 9.95 -3.72 1.24
C ILE A 205 10.98 -4.28 2.24
N THR A 206 11.02 -5.60 2.38
CA THR A 206 11.92 -6.25 3.33
C THR A 206 13.39 -5.90 3.02
N TYR A 207 13.75 -5.98 1.74
CA TYR A 207 15.09 -5.57 1.31
C TYR A 207 15.41 -4.14 1.78
N ILE A 208 14.48 -3.22 1.53
CA ILE A 208 14.66 -1.82 1.90
C ILE A 208 14.74 -1.66 3.42
N LEU A 209 13.88 -2.37 4.18
CA LEU A 209 13.89 -2.23 5.64
C LEU A 209 15.25 -2.61 6.21
N LEU A 210 15.89 -3.63 5.62
CA LEU A 210 17.14 -4.13 6.17
C LEU A 210 18.37 -3.34 5.73
N SER A 211 18.32 -2.69 4.57
CA SER A 211 19.49 -2.11 3.94
C SER A 211 19.44 -0.60 3.75
N GLY A 212 18.25 -0.03 3.63
CA GLY A 212 18.08 1.35 3.22
C GLY A 212 18.27 1.58 1.72
N ALA A 213 18.34 0.50 0.94
CA ALA A 213 18.54 0.59 -0.50
C ALA A 213 17.42 -0.17 -1.22
N SER A 214 17.07 0.30 -2.42
CA SER A 214 16.03 -0.24 -3.27
C SER A 214 16.64 -1.24 -4.25
N PRO A 215 16.14 -2.50 -4.29
CA PRO A 215 16.87 -3.56 -4.97
C PRO A 215 16.92 -3.50 -6.49
N PHE A 216 15.90 -2.90 -7.12
CA PHE A 216 15.80 -2.87 -8.57
C PHE A 216 15.96 -1.45 -9.15
N LEU A 217 16.12 -0.42 -8.32
CA LEU A 217 16.04 0.96 -8.79
C LEU A 217 17.13 1.28 -9.80
N GLY A 218 16.71 1.75 -10.96
CA GLY A 218 17.58 2.29 -11.98
C GLY A 218 17.53 3.82 -11.99
N ASP A 219 18.15 4.42 -12.99
CA ASP A 219 18.19 5.87 -13.10
C ASP A 219 16.95 6.41 -13.79
N THR A 220 16.18 5.53 -14.45
CA THR A 220 14.91 5.90 -15.06
C THR A 220 13.88 4.84 -14.73
N LYS A 221 12.59 5.18 -14.86
CA LYS A 221 11.54 4.18 -14.63
C LYS A 221 11.71 2.97 -15.53
N GLN A 222 12.03 3.18 -16.82
CA GLN A 222 12.19 2.07 -17.75
C GLN A 222 13.31 1.14 -17.28
N GLU A 223 14.42 1.70 -16.80
CA GLU A 223 15.51 0.86 -16.32
C GLU A 223 15.06 0.05 -15.10
N THR A 224 14.30 0.69 -14.19
CA THR A 224 13.80 -0.02 -13.04
C THR A 224 12.94 -1.20 -13.46
N LEU A 225 12.00 -0.93 -14.38
CA LEU A 225 11.11 -1.96 -14.84
C LEU A 225 11.86 -3.11 -15.51
N ALA A 226 12.88 -2.78 -16.30
CA ALA A 226 13.68 -3.81 -16.96
C ALA A 226 14.39 -4.67 -15.92
N ASN A 227 14.89 -4.01 -14.87
CA ASN A 227 15.57 -4.71 -13.79
C ASN A 227 14.63 -5.66 -13.07
N VAL A 228 13.41 -5.20 -12.79
CA VAL A 228 12.41 -6.05 -12.18
C VAL A 228 12.14 -7.28 -13.02
N SER A 229 11.90 -7.10 -14.30
CA SER A 229 11.53 -8.20 -15.18
C SER A 229 12.64 -9.25 -15.25
N ALA A 230 13.89 -8.78 -15.20
CA ALA A 230 15.04 -9.66 -15.27
C ALA A 230 15.47 -10.24 -13.92
N VAL A 231 14.79 -9.80 -12.84
CA VAL A 231 15.16 -10.13 -11.46
C VAL A 231 16.63 -9.78 -11.23
N ASN A 232 16.96 -8.56 -11.65
CA ASN A 232 18.31 -8.03 -11.53
C ASN A 232 18.49 -7.32 -10.18
N TYR A 233 18.70 -8.10 -9.13
CA TYR A 233 19.08 -7.57 -7.84
C TYR A 233 20.12 -8.50 -7.22
N GLU A 234 20.84 -7.94 -6.26
CA GLU A 234 21.75 -8.74 -5.45
C GLU A 234 21.86 -8.12 -4.07
N PHE A 235 22.35 -8.90 -3.13
CA PHE A 235 22.60 -8.44 -1.77
C PHE A 235 23.99 -7.85 -1.63
N GLU A 236 24.09 -6.54 -1.64
CA GLU A 236 25.39 -5.88 -1.57
C GLU A 236 26.02 -6.06 -0.19
N ASP A 237 27.27 -6.53 -0.17
CA ASP A 237 27.90 -6.83 1.11
C ASP A 237 28.00 -5.56 1.98
N GLU A 238 28.17 -4.39 1.36
CA GLU A 238 28.27 -3.17 2.15
C GLU A 238 27.05 -2.97 3.04
N TYR A 239 25.89 -3.41 2.53
CA TYR A 239 24.64 -3.23 3.23
C TYR A 239 24.21 -4.47 4.02
N PHE A 240 24.57 -5.66 3.55
CA PHE A 240 24.01 -6.89 4.10
C PHE A 240 25.05 -7.73 4.86
N SER A 241 26.29 -7.26 5.02
CA SER A 241 27.32 -8.09 5.64
C SER A 241 26.96 -8.57 7.05
N ASN A 242 26.22 -7.80 7.85
CA ASN A 242 25.87 -8.28 9.18
C ASN A 242 24.38 -8.67 9.25
N THR A 243 23.73 -8.89 8.10
CA THR A 243 22.37 -9.41 8.01
C THR A 243 22.38 -10.93 7.95
N SER A 244 21.49 -11.59 8.70
CA SER A 244 21.48 -13.04 8.78
C SER A 244 21.16 -13.68 7.43
N ALA A 245 21.70 -14.88 7.24
CA ALA A 245 21.39 -15.66 6.04
C ALA A 245 19.89 -15.97 5.94
N LEU A 246 19.23 -16.17 7.07
CA LEU A 246 17.79 -16.47 7.04
C LEU A 246 16.98 -15.30 6.50
N ALA A 247 17.35 -14.08 6.87
CA ALA A 247 16.68 -12.89 6.34
C ALA A 247 16.83 -12.84 4.81
N LYS A 248 18.03 -13.10 4.32
CA LYS A 248 18.24 -13.14 2.89
C LYS A 248 17.41 -14.25 2.25
N ASP A 249 17.30 -15.42 2.91
CA ASP A 249 16.52 -16.54 2.41
C ASP A 249 15.05 -16.10 2.25
N PHE A 250 14.52 -15.41 3.25
CA PHE A 250 13.16 -14.87 3.18
C PHE A 250 12.95 -14.04 1.93
N ILE A 251 13.84 -13.07 1.71
CA ILE A 251 13.70 -12.16 0.54
C ILE A 251 13.83 -12.97 -0.76
N ARG A 252 14.79 -13.89 -0.82
CA ARG A 252 15.03 -14.66 -2.06
C ARG A 252 13.79 -15.46 -2.47
N ARG A 253 13.00 -15.90 -1.48
CA ARG A 253 11.81 -16.74 -1.77
C ARG A 253 10.62 -15.86 -2.18
N LEU A 254 10.75 -14.54 -2.03
CA LEU A 254 9.67 -13.61 -2.48
C LEU A 254 10.05 -12.99 -3.83
N LEU A 255 11.33 -12.71 -4.05
CA LEU A 255 11.80 -12.08 -5.32
C LEU A 255 12.02 -13.19 -6.35
N VAL A 256 10.94 -13.86 -6.73
CA VAL A 256 10.91 -15.00 -7.64
C VAL A 256 10.02 -14.58 -8.80
N LYS A 257 10.51 -14.72 -10.04
CA LYS A 257 9.80 -14.26 -11.22
C LYS A 257 8.50 -15.02 -11.43
N ASP A 258 8.54 -16.34 -11.32
CA ASP A 258 7.39 -17.18 -11.54
C ASP A 258 6.46 -17.03 -10.34
N PRO A 259 5.25 -16.45 -10.50
CA PRO A 259 4.43 -16.18 -9.34
C PRO A 259 4.03 -17.47 -8.61
N LYS A 260 3.95 -18.58 -9.32
CA LYS A 260 3.51 -19.86 -8.74
C LYS A 260 4.58 -20.41 -7.79
N LYS A 261 5.84 -20.00 -7.97
CA LYS A 261 6.95 -20.50 -7.16
C LYS A 261 7.28 -19.56 -6.00
N ARG A 262 6.64 -18.40 -5.94
CA ARG A 262 6.85 -17.41 -4.93
C ARG A 262 6.20 -17.85 -3.62
N MET A 263 6.76 -17.49 -2.47
CA MET A 263 6.07 -17.76 -1.21
C MET A 263 4.71 -17.05 -1.21
N THR A 264 3.70 -17.75 -0.69
CA THR A 264 2.43 -17.17 -0.36
C THR A 264 2.50 -16.44 0.99
N ILE A 265 1.42 -15.71 1.32
CA ILE A 265 1.36 -15.07 2.63
C ILE A 265 1.43 -16.10 3.75
N GLN A 266 0.74 -17.25 3.62
CA GLN A 266 0.79 -18.26 4.66
C GLN A 266 2.21 -18.83 4.79
N ASP A 267 2.89 -19.06 3.66
CA ASP A 267 4.26 -19.55 3.69
C ASP A 267 5.14 -18.54 4.43
N SER A 268 4.93 -17.22 4.15
CA SER A 268 5.78 -16.21 4.72
C SER A 268 5.67 -16.19 6.25
N LEU A 269 4.47 -16.48 6.79
CA LEU A 269 4.27 -16.47 8.22
C LEU A 269 4.85 -17.71 8.89
N GLN A 270 5.09 -18.79 8.15
CA GLN A 270 5.67 -20.02 8.67
C GLN A 270 7.18 -20.08 8.42
N HIS A 271 7.73 -19.13 7.66
CA HIS A 271 9.14 -19.13 7.34
C HIS A 271 9.93 -18.99 8.64
N PRO A 272 11.04 -19.72 8.80
CA PRO A 272 11.79 -19.70 10.07
C PRO A 272 12.30 -18.33 10.53
N TRP A 273 12.46 -17.35 9.62
CA TRP A 273 12.84 -16.01 10.03
C TRP A 273 11.69 -15.29 10.77
N ILE A 274 10.44 -15.67 10.48
CA ILE A 274 9.25 -15.02 11.01
C ILE A 274 8.59 -15.85 12.12
N LYS A 275 8.48 -17.18 11.92
CA LYS A 275 7.68 -18.06 12.78
C LYS A 275 8.17 -17.89 14.20
N PRO A 276 7.24 -17.65 15.17
CA PRO A 276 7.62 -17.41 16.56
C PRO A 276 7.97 -18.70 17.31
N PRO A 290 1.82 6.54 -14.60
CA PRO A 290 2.43 5.86 -13.44
C PRO A 290 3.75 5.16 -13.79
N GLN A 291 3.70 4.36 -14.86
CA GLN A 291 4.84 3.55 -15.24
C GLN A 291 5.65 4.27 -16.33
N PHE A 292 5.15 5.41 -16.85
CA PHE A 292 5.80 6.11 -17.96
C PHE A 292 6.45 7.39 -17.45
N GLU A 293 7.64 7.77 -18.00
CA GLU A 293 8.32 8.98 -17.58
C GLU A 293 7.52 10.18 -18.06
S SO4 B . 24.30 -13.90 -1.23
O1 SO4 B . 25.50 -14.62 -1.57
O2 SO4 B . 24.64 -12.62 -0.68
O3 SO4 B . 23.50 -13.73 -2.40
O4 SO4 B . 23.56 -14.65 -0.25
N1 A1BU8 C . -1.21 9.71 1.13
N3 A1BU8 C . -4.40 8.25 1.61
C3 A1BU8 C . -0.71 9.08 -1.21
N4 A1BU8 C . -3.29 8.75 1.04
N2 A1BU8 C . -4.22 9.11 8.05
C8 A1BU8 C . -3.81 8.95 5.27
C9 A1BU8 C . -4.77 8.18 5.91
C1 A1BU8 C . 1.05 9.05 0.43
C2 A1BU8 C . 0.14 9.34 1.60
C10 A1BU8 C . -4.94 8.28 7.27
C4 A1BU8 C . -1.19 10.17 -0.26
C5 A1BU8 C . -2.37 9.32 1.80
C6 A1BU8 C . -2.49 9.43 3.19
C7 A1BU8 C . -3.62 8.89 3.80
C12 A1BU8 C . -3.08 9.82 6.07
C11 A1BU8 C . -3.32 9.87 7.43
C A1BU8 C . 1.30 7.76 -1.61
N A1BU8 C . 0.35 8.27 -0.59
C13 A1BU8 C . -4.56 8.31 2.94
#